data_6LDH
#
_entry.id   6LDH
#
_cell.length_a   146.800
_cell.length_b   146.800
_cell.length_c   155.400
_cell.angle_alpha   90.00
_cell.angle_beta   90.00
_cell.angle_gamma   90.00
#
_symmetry.space_group_name_H-M   'F 4 2 2'
#
loop_
_entity.id
_entity.type
_entity.pdbx_description
1 polymer 'M4 APO-LACTATE DEHYDROGENASE'
2 non-polymer 'SULFATE ION'
3 water water
#
_entity_poly.entity_id   1
_entity_poly.type   'polypeptide(L)'
_entity_poly.pdbx_seq_one_letter_code
;(ACE)ATLKDKLIGHLATSQEPRSYNKITVVGVGAVGMACAISILMKDLADEVALVDVMEDKLKGEMMDLQHGSLFLHTA
KIVSGKDYSVSAGSKLVVITAGARQQEGESRLNLVQRNVNIFKFIIPNIVKHSPDCIILVVSNPVDVLTYVAWKLSGLPM
HRIIGSGCNLDSARFRYLMGERLGVHSCSCHGWVIGEHGDSVPSVWSGMNVASIKLHPLDGTNKDKQDWKKLHKDVVDSA
YEVIKLKGYTSWAIGLSVADLAETIMKNLCRVHPVSTMVKDFYGIKDNVFLSLPCVLNDHGISNIVKMKLKPNEEQQLQK
SATTLWDIQKDLKF
;
_entity_poly.pdbx_strand_id   A
#
loop_
_chem_comp.id
_chem_comp.type
_chem_comp.name
_chem_comp.formula
ACE non-polymer 'ACETYL GROUP' 'C2 H4 O'
SO4 non-polymer 'SULFATE ION' 'O4 S -2'
#
# COMPACT_ATOMS: atom_id res chain seq x y z
C ACE A 1 -4.21 -8.16 49.62
O ACE A 1 -4.92 -8.33 50.65
CH3 ACE A 1 -4.79 -8.47 48.29
N ALA A 2 -2.98 -7.68 49.83
CA ALA A 2 -2.88 -6.39 50.54
C ALA A 2 -2.39 -5.37 49.50
N THR A 3 -2.82 -5.60 48.30
CA THR A 3 -2.61 -4.78 47.08
C THR A 3 -4.01 -4.40 46.58
N LEU A 4 -4.18 -3.19 46.09
CA LEU A 4 -5.58 -2.80 45.63
C LEU A 4 -6.05 -3.82 44.60
N LYS A 5 -5.13 -4.10 43.70
CA LYS A 5 -5.29 -5.02 42.59
C LYS A 5 -5.70 -6.38 43.13
N ASP A 6 -5.12 -6.86 44.16
CA ASP A 6 -5.38 -8.17 44.78
C ASP A 6 -6.70 -8.17 45.57
N LYS A 7 -7.03 -6.98 46.02
CA LYS A 7 -8.23 -6.80 46.86
C LYS A 7 -9.48 -6.74 45.98
N LEU A 8 -9.25 -6.32 44.72
CA LEU A 8 -10.32 -6.06 43.80
C LEU A 8 -10.45 -6.98 42.61
N ILE A 9 -9.42 -7.68 42.17
CA ILE A 9 -9.54 -8.62 41.06
C ILE A 9 -9.21 -10.07 41.45
N GLY A 10 -10.18 -10.97 41.36
CA GLY A 10 -9.99 -12.39 41.65
C GLY A 10 -9.78 -13.24 40.40
N HIS A 11 -9.77 -14.57 40.60
CA HIS A 11 -9.51 -15.52 39.55
C HIS A 11 -10.31 -16.81 39.63
N LEU A 12 -10.55 -17.19 38.34
CA LEU A 12 -11.13 -18.52 38.07
C LEU A 12 -9.86 -19.37 38.22
N ALA A 13 -10.04 -20.61 38.51
CA ALA A 13 -9.00 -21.61 38.69
C ALA A 13 -8.27 -21.95 37.42
N THR A 14 -8.77 -21.52 36.29
CA THR A 14 -8.27 -21.91 34.96
C THR A 14 -8.07 -20.71 34.06
N SER A 15 -7.08 -20.70 33.18
CA SER A 15 -6.79 -19.48 32.39
C SER A 15 -5.85 -19.86 31.29
N GLN A 16 -5.52 -19.00 30.36
CA GLN A 16 -4.64 -19.32 29.22
C GLN A 16 -3.82 -18.07 28.82
N GLU A 17 -2.56 -18.31 28.61
CA GLU A 17 -1.56 -17.33 28.22
C GLU A 17 -2.09 -16.33 27.19
N PRO A 18 -1.78 -15.06 27.49
CA PRO A 18 -2.11 -13.89 26.68
C PRO A 18 -1.76 -14.02 25.19
N ARG A 19 -2.62 -13.30 24.47
CA ARG A 19 -2.93 -13.46 23.09
C ARG A 19 -3.34 -12.43 22.09
N SER A 20 -2.74 -12.40 20.96
CA SER A 20 -3.12 -11.47 19.85
C SER A 20 -3.22 -12.32 18.57
N TYR A 21 -4.30 -12.24 17.84
CA TYR A 21 -4.54 -12.96 16.63
C TYR A 21 -4.70 -12.14 15.34
N ASN A 22 -5.08 -10.92 15.43
CA ASN A 22 -5.28 -10.06 14.22
C ASN A 22 -4.28 -8.89 14.27
N LYS A 23 -3.05 -9.34 14.62
CA LYS A 23 -1.93 -8.35 14.78
C LYS A 23 -1.50 -7.73 13.52
N ILE A 24 -1.30 -6.41 13.51
CA ILE A 24 -0.76 -5.65 12.35
C ILE A 24 0.44 -4.81 12.80
N THR A 25 1.47 -4.75 11.92
CA THR A 25 2.67 -3.95 12.21
C THR A 25 2.93 -2.88 11.20
N VAL A 26 3.27 -1.67 11.71
CA VAL A 26 3.62 -0.59 10.81
C VAL A 26 5.08 -0.21 10.95
N VAL A 27 5.78 -0.15 9.79
CA VAL A 27 7.22 0.25 9.83
C VAL A 27 7.34 1.68 9.41
N GLY A 28 7.87 2.56 10.31
CA GLY A 28 8.11 3.95 9.83
C GLY A 28 7.09 4.86 10.51
N VAL A 29 7.52 5.79 11.32
CA VAL A 29 6.49 6.67 11.99
C VAL A 29 6.60 8.10 11.47
N GLY A 30 6.64 8.19 10.16
CA GLY A 30 6.77 9.41 9.35
C GLY A 30 5.34 9.95 9.13
N ALA A 31 5.08 10.63 8.04
CA ALA A 31 3.76 11.17 7.79
C ALA A 31 2.82 10.10 7.24
N VAL A 32 3.35 9.21 6.47
CA VAL A 32 2.67 8.11 5.79
C VAL A 32 2.32 7.02 6.78
N GLY A 33 3.28 6.70 7.62
CA GLY A 33 3.18 5.73 8.70
C GLY A 33 2.22 6.18 9.77
N MET A 34 2.30 7.40 10.29
CA MET A 34 1.32 7.71 11.36
C MET A 34 -0.13 7.76 10.77
N ALA A 35 -0.22 8.03 9.50
CA ALA A 35 -1.45 8.25 8.76
C ALA A 35 -2.08 6.86 8.56
N CYS A 36 -1.21 5.94 8.11
CA CYS A 36 -1.60 4.53 7.93
C CYS A 36 -2.06 3.93 9.31
N ALA A 37 -1.26 4.27 10.35
CA ALA A 37 -1.53 3.73 11.67
C ALA A 37 -2.81 4.24 12.32
N ILE A 38 -3.17 5.48 12.12
CA ILE A 38 -4.43 5.95 12.80
C ILE A 38 -5.66 5.58 12.01
N SER A 39 -5.55 5.21 10.76
CA SER A 39 -6.68 4.79 9.95
C SER A 39 -7.04 3.33 10.19
N ILE A 40 -6.07 2.47 10.43
CA ILE A 40 -6.27 1.10 10.82
C ILE A 40 -6.96 1.08 12.20
N LEU A 41 -6.43 1.97 13.08
CA LEU A 41 -6.96 1.97 14.48
C LEU A 41 -8.43 2.42 14.52
N MET A 42 -8.77 3.47 13.80
CA MET A 42 -10.10 4.04 13.69
C MET A 42 -11.11 3.16 12.93
N LYS A 43 -10.71 2.13 12.30
CA LYS A 43 -11.26 1.12 11.51
C LYS A 43 -11.45 -0.22 12.21
N ASP A 44 -10.82 -0.35 13.34
CA ASP A 44 -10.85 -1.56 14.16
C ASP A 44 -10.53 -2.79 13.30
N LEU A 45 -9.33 -2.80 12.68
CA LEU A 45 -8.92 -3.91 11.87
C LEU A 45 -8.00 -4.87 12.63
N ALA A 46 -7.49 -4.46 13.79
CA ALA A 46 -6.46 -5.42 14.38
C ALA A 46 -6.58 -5.41 15.87
N ASP A 47 -6.37 -6.56 16.50
CA ASP A 47 -6.42 -6.54 18.02
C ASP A 47 -5.06 -6.20 18.61
N GLU A 48 -4.11 -5.84 17.75
CA GLU A 48 -2.80 -5.35 18.16
C GLU A 48 -2.12 -4.51 17.05
N VAL A 49 -1.54 -3.41 17.39
CA VAL A 49 -0.78 -2.58 16.37
C VAL A 49 0.55 -2.32 17.03
N ALA A 50 1.58 -2.79 16.31
CA ALA A 50 3.00 -2.56 16.71
C ALA A 50 3.60 -1.63 15.68
N LEU A 51 4.32 -0.63 16.22
CA LEU A 51 4.93 0.46 15.49
C LEU A 51 6.45 0.33 15.54
N VAL A 52 7.10 0.33 14.31
CA VAL A 52 8.56 0.14 14.30
C VAL A 52 9.32 1.17 13.46
N ASP A 53 10.26 1.82 14.13
CA ASP A 53 11.12 2.85 13.47
C ASP A 53 12.46 2.79 14.16
N VAL A 54 13.41 3.53 13.54
CA VAL A 54 14.80 3.53 14.09
C VAL A 54 14.91 4.75 15.04
N MET A 55 13.98 5.66 14.86
CA MET A 55 14.05 6.95 15.60
C MET A 55 13.39 6.69 16.94
N GLU A 56 14.17 6.28 17.90
CA GLU A 56 13.75 6.04 19.29
C GLU A 56 12.65 6.97 19.81
N ASP A 57 13.04 8.20 20.01
CA ASP A 57 12.26 9.28 20.63
C ASP A 57 10.88 9.41 20.00
N LYS A 58 10.92 9.68 18.72
CA LYS A 58 9.77 9.88 17.86
C LYS A 58 8.82 8.68 17.93
N LEU A 59 9.38 7.49 17.97
CA LEU A 59 8.67 6.23 18.05
C LEU A 59 7.92 6.17 19.39
N LYS A 60 8.66 6.43 20.45
CA LYS A 60 8.10 6.32 21.79
C LYS A 60 6.92 7.30 21.94
N GLY A 61 7.19 8.51 21.45
CA GLY A 61 6.20 9.59 21.63
C GLY A 61 4.96 9.42 20.78
N GLU A 62 5.14 8.73 19.68
CA GLU A 62 4.13 8.46 18.68
C GLU A 62 3.20 7.42 19.28
N MET A 63 3.82 6.43 19.89
CA MET A 63 3.30 5.32 20.60
C MET A 63 2.41 5.80 21.74
N MET A 64 2.94 6.82 22.43
CA MET A 64 2.24 7.31 23.67
C MET A 64 0.95 8.10 23.28
N ASP A 65 1.20 9.00 22.33
CA ASP A 65 0.08 9.85 21.81
C ASP A 65 -1.12 8.88 21.60
N LEU A 66 -0.85 7.89 20.83
CA LEU A 66 -1.78 6.80 20.47
C LEU A 66 -2.34 6.08 21.62
N GLN A 67 -1.60 5.59 22.57
CA GLN A 67 -2.12 4.90 23.76
C GLN A 67 -3.05 5.78 24.57
N HIS A 68 -2.74 7.10 24.55
CA HIS A 68 -3.50 7.99 25.51
C HIS A 68 -4.95 8.04 25.12
N GLY A 69 -5.22 7.69 23.89
CA GLY A 69 -6.52 7.75 23.24
C GLY A 69 -7.29 6.42 23.34
N SER A 70 -6.71 5.51 24.07
CA SER A 70 -7.19 4.15 24.29
C SER A 70 -8.68 4.09 24.51
N LEU A 71 -9.24 4.85 25.41
CA LEU A 71 -10.61 5.02 25.70
C LEU A 71 -11.56 5.23 24.48
N PHE A 72 -11.02 5.85 23.45
CA PHE A 72 -11.72 6.19 22.25
C PHE A 72 -11.66 5.13 21.16
N LEU A 73 -10.83 4.13 21.34
CA LEU A 73 -10.64 3.07 20.35
C LEU A 73 -11.14 1.70 20.90
N HIS A 74 -10.94 0.77 19.99
CA HIS A 74 -11.24 -0.65 20.10
C HIS A 74 -10.08 -1.57 19.82
N THR A 75 -8.83 -1.09 19.90
CA THR A 75 -7.62 -1.94 19.76
C THR A 75 -6.96 -1.91 21.13
N ALA A 76 -6.87 -3.16 21.62
CA ALA A 76 -6.50 -3.47 23.00
C ALA A 76 -5.06 -3.11 23.44
N LYS A 77 -4.16 -3.32 22.51
CA LYS A 77 -2.71 -3.21 22.66
C LYS A 77 -2.02 -2.56 21.47
N ILE A 78 -1.38 -1.43 21.80
CA ILE A 78 -0.56 -0.64 20.90
C ILE A 78 0.84 -0.76 21.51
N VAL A 79 1.80 -0.99 20.67
CA VAL A 79 3.21 -1.06 21.04
C VAL A 79 4.12 -0.53 19.91
N SER A 80 5.36 -0.24 20.33
CA SER A 80 6.37 0.33 19.44
C SER A 80 7.71 -0.29 19.78
N GLY A 81 8.50 -0.47 18.73
CA GLY A 81 9.87 -1.01 19.10
C GLY A 81 10.84 -0.62 17.97
N LYS A 82 12.04 -0.47 18.34
CA LYS A 82 13.22 -0.24 17.50
C LYS A 82 13.66 -1.64 17.02
N ASP A 83 13.35 -2.57 17.94
CA ASP A 83 13.67 -3.99 17.73
C ASP A 83 12.54 -4.64 16.90
N TYR A 84 12.87 -5.63 16.10
CA TYR A 84 11.83 -6.20 15.23
C TYR A 84 10.99 -7.24 15.94
N SER A 85 11.48 -7.74 17.06
CA SER A 85 10.78 -8.82 17.80
C SER A 85 9.45 -8.26 18.30
N VAL A 86 9.34 -6.92 18.38
CA VAL A 86 8.08 -6.30 18.79
C VAL A 86 6.91 -6.58 17.83
N SER A 87 7.28 -6.99 16.62
CA SER A 87 6.39 -7.20 15.48
C SER A 87 6.08 -8.69 15.30
N ALA A 88 6.76 -9.48 16.13
CA ALA A 88 6.53 -10.89 16.23
C ALA A 88 5.08 -11.33 16.24
N GLY A 89 4.55 -11.74 15.12
CA GLY A 89 3.29 -12.46 15.03
C GLY A 89 2.16 -11.71 14.35
N SER A 90 2.53 -10.98 13.35
CA SER A 90 1.66 -10.04 12.66
C SER A 90 1.05 -10.78 11.48
N LYS A 91 -0.13 -10.51 11.14
CA LYS A 91 -0.94 -10.94 10.07
C LYS A 91 -0.44 -10.14 8.82
N LEU A 92 -0.27 -8.84 9.07
CA LEU A 92 0.10 -7.86 8.04
C LEU A 92 1.14 -6.83 8.50
N VAL A 93 2.05 -6.55 7.56
CA VAL A 93 3.10 -5.58 7.72
C VAL A 93 2.98 -4.54 6.57
N VAL A 94 2.92 -3.31 6.97
CA VAL A 94 2.90 -2.14 6.09
C VAL A 94 4.30 -1.50 6.23
N ILE A 95 4.99 -1.36 5.12
CA ILE A 95 6.30 -0.71 5.08
C ILE A 95 6.17 0.67 4.39
N THR A 96 6.59 1.65 5.13
CA THR A 96 6.53 3.06 4.80
C THR A 96 7.84 3.76 5.08
N ALA A 97 8.91 2.99 5.07
CA ALA A 97 10.27 3.56 5.39
C ALA A 97 11.01 3.63 4.06
N GLY A 98 11.64 4.78 3.85
CA GLY A 98 12.43 4.87 2.57
C GLY A 98 13.18 6.22 2.61
N ALA A 99 13.99 6.36 1.60
CA ALA A 99 14.84 7.53 1.34
C ALA A 99 14.06 8.39 0.38
N ARG A 100 14.25 9.68 0.23
CA ARG A 100 13.35 10.43 -0.64
C ARG A 100 13.87 10.94 -1.94
N GLN A 101 15.06 10.70 -2.40
CA GLN A 101 15.55 11.10 -3.71
C GLN A 101 16.03 12.56 -3.61
N GLN A 102 17.30 12.64 -4.01
CA GLN A 102 18.09 13.85 -3.91
C GLN A 102 18.42 14.56 -5.20
N GLU A 103 19.05 15.70 -4.87
CA GLU A 103 19.63 16.62 -5.85
C GLU A 103 20.64 15.81 -6.68
N GLY A 104 20.17 15.54 -7.91
CA GLY A 104 21.07 14.87 -8.89
C GLY A 104 21.02 13.36 -8.65
N GLU A 105 19.90 12.93 -8.06
CA GLU A 105 19.81 11.48 -7.77
C GLU A 105 19.14 10.76 -8.95
N SER A 106 19.76 9.63 -9.26
CA SER A 106 19.26 8.78 -10.35
C SER A 106 18.32 7.73 -9.74
N ARG A 107 17.31 7.40 -10.51
CA ARG A 107 16.31 6.42 -10.02
C ARG A 107 17.03 5.12 -9.64
N LEU A 108 18.15 4.89 -10.35
CA LEU A 108 18.96 3.71 -10.07
C LEU A 108 19.57 3.87 -8.65
N ASN A 109 20.12 5.04 -8.42
CA ASN A 109 20.89 5.30 -7.16
C ASN A 109 19.95 5.45 -5.96
N LEU A 110 18.74 5.93 -6.25
CA LEU A 110 17.72 6.11 -5.23
C LEU A 110 17.17 4.74 -4.77
N VAL A 111 17.08 3.87 -5.70
CA VAL A 111 16.57 2.48 -5.53
C VAL A 111 17.64 1.72 -4.79
N GLN A 112 18.92 1.94 -5.12
CA GLN A 112 20.01 1.31 -4.36
C GLN A 112 20.02 1.69 -2.91
N ARG A 113 19.75 2.98 -2.62
CA ARG A 113 19.84 3.48 -1.23
C ARG A 113 18.82 2.73 -0.35
N ASN A 114 17.63 2.59 -0.91
CA ASN A 114 16.49 1.86 -0.32
C ASN A 114 16.80 0.37 -0.17
N VAL A 115 17.51 -0.23 -1.13
CA VAL A 115 17.92 -1.64 -0.98
C VAL A 115 18.72 -1.94 0.29
N ASN A 116 19.54 -1.05 0.70
CA ASN A 116 20.48 -1.09 1.82
C ASN A 116 19.78 -0.79 3.15
N ILE A 117 18.63 -0.14 3.10
CA ILE A 117 17.83 0.14 4.32
C ILE A 117 16.95 -1.11 4.56
N PHE A 118 16.46 -1.57 3.37
CA PHE A 118 15.51 -2.68 3.35
C PHE A 118 16.21 -3.98 3.77
N LYS A 119 17.46 -4.10 3.46
CA LYS A 119 18.24 -5.26 3.86
C LYS A 119 18.18 -5.43 5.39
N PHE A 120 18.06 -4.25 6.02
CA PHE A 120 17.95 -4.34 7.51
C PHE A 120 16.51 -4.51 7.95
N ILE A 121 15.53 -4.06 7.22
CA ILE A 121 14.13 -4.15 7.70
C ILE A 121 13.50 -5.50 7.54
N ILE A 122 13.15 -5.87 6.35
CA ILE A 122 12.44 -7.02 5.85
C ILE A 122 12.83 -8.42 6.22
N PRO A 123 14.11 -8.72 6.34
CA PRO A 123 14.59 -10.07 6.69
C PRO A 123 14.16 -10.35 8.10
N ASN A 124 14.15 -9.31 8.93
CA ASN A 124 13.85 -9.43 10.37
C ASN A 124 12.34 -9.58 10.61
N ILE A 125 11.57 -9.01 9.74
CA ILE A 125 10.12 -9.02 9.73
C ILE A 125 9.64 -10.48 9.58
N VAL A 126 10.23 -11.09 8.54
CA VAL A 126 9.84 -12.47 8.19
C VAL A 126 10.21 -13.53 9.19
N LYS A 127 11.27 -13.32 9.90
CA LYS A 127 11.78 -14.21 10.91
C LYS A 127 10.94 -14.15 12.19
N HIS A 128 10.32 -13.00 12.45
CA HIS A 128 9.50 -12.76 13.60
C HIS A 128 7.99 -13.02 13.33
N SER A 129 7.77 -12.99 12.04
CA SER A 129 6.45 -13.12 11.44
C SER A 129 6.54 -14.00 10.20
N PRO A 130 6.59 -15.31 10.43
CA PRO A 130 6.68 -16.30 9.38
C PRO A 130 5.46 -16.31 8.47
N ASP A 131 4.28 -16.01 9.02
CA ASP A 131 3.03 -16.07 8.26
C ASP A 131 2.39 -14.74 7.84
N CYS A 132 3.21 -13.70 7.91
CA CYS A 132 2.71 -12.37 7.54
C CYS A 132 2.57 -12.25 6.02
N ILE A 133 1.80 -11.18 5.67
CA ILE A 133 1.71 -10.74 4.26
C ILE A 133 2.40 -9.40 4.21
N ILE A 134 3.16 -8.99 3.18
CA ILE A 134 3.78 -7.64 3.28
C ILE A 134 3.08 -6.66 2.37
N LEU A 135 2.86 -5.44 2.87
CA LEU A 135 2.24 -4.37 2.04
C LEU A 135 3.20 -3.18 1.94
N VAL A 136 3.76 -3.04 0.75
CA VAL A 136 4.73 -1.91 0.52
C VAL A 136 4.07 -0.66 -0.03
N VAL A 137 4.17 0.37 0.77
CA VAL A 137 3.75 1.75 0.42
C VAL A 137 4.90 2.60 -0.14
N SER A 138 6.10 2.42 0.30
CA SER A 138 7.31 3.09 -0.04
C SER A 138 7.44 3.27 -1.55
N ASN A 139 7.89 4.50 -1.86
CA ASN A 139 8.03 4.85 -3.34
C ASN A 139 9.50 4.74 -3.63
N PRO A 140 9.93 4.37 -4.81
CA PRO A 140 9.15 3.91 -5.97
C PRO A 140 8.46 2.59 -5.64
N VAL A 141 7.17 2.43 -5.74
CA VAL A 141 6.53 1.24 -5.14
C VAL A 141 6.76 -0.08 -5.89
N ASP A 142 6.72 -0.09 -7.17
CA ASP A 142 6.89 -1.26 -8.00
C ASP A 142 8.26 -1.89 -7.85
N VAL A 143 9.31 -1.00 -7.74
CA VAL A 143 10.63 -1.53 -7.55
C VAL A 143 10.82 -1.94 -6.06
N LEU A 144 10.24 -1.18 -5.17
CA LEU A 144 10.50 -1.49 -3.71
C LEU A 144 9.73 -2.77 -3.34
N THR A 145 8.69 -2.99 -4.08
CA THR A 145 7.89 -4.22 -3.88
C THR A 145 8.69 -5.47 -4.27
N TYR A 146 9.44 -5.31 -5.37
CA TYR A 146 10.24 -6.38 -5.94
C TYR A 146 11.39 -6.76 -4.98
N VAL A 147 11.89 -5.71 -4.41
CA VAL A 147 13.01 -5.77 -3.49
C VAL A 147 12.59 -6.52 -2.25
N ALA A 148 11.40 -6.27 -1.82
CA ALA A 148 10.81 -6.77 -0.55
C ALA A 148 10.53 -8.25 -0.79
N TRP A 149 9.97 -8.53 -1.92
CA TRP A 149 9.77 -9.84 -2.46
C TRP A 149 11.03 -10.71 -2.33
N LYS A 150 12.04 -10.24 -3.07
CA LYS A 150 13.38 -10.73 -3.12
C LYS A 150 14.10 -10.78 -1.79
N LEU A 151 13.93 -9.84 -0.92
CA LEU A 151 14.73 -9.87 0.35
C LEU A 151 14.16 -10.79 1.40
N SER A 152 12.84 -11.09 1.27
CA SER A 152 12.11 -11.83 2.25
C SER A 152 12.10 -13.30 2.00
N GLY A 153 11.65 -13.79 0.87
CA GLY A 153 11.64 -15.20 0.49
C GLY A 153 10.22 -15.74 0.61
N LEU A 154 9.31 -14.76 0.51
CA LEU A 154 7.85 -15.05 0.65
C LEU A 154 7.28 -15.41 -0.69
N PRO A 155 6.27 -16.29 -0.62
CA PRO A 155 5.48 -16.68 -1.80
C PRO A 155 5.11 -15.35 -2.42
N MET A 156 5.06 -15.30 -3.70
CA MET A 156 4.79 -14.01 -4.39
C MET A 156 3.46 -13.40 -4.06
N HIS A 157 2.53 -14.22 -3.55
CA HIS A 157 1.14 -13.76 -3.28
C HIS A 157 1.02 -13.02 -1.98
N ARG A 158 2.04 -13.13 -1.13
CA ARG A 158 2.09 -12.52 0.19
C ARG A 158 2.93 -11.23 0.11
N ILE A 159 3.10 -10.75 -1.10
CA ILE A 159 3.89 -9.50 -1.37
C ILE A 159 3.07 -8.66 -2.33
N ILE A 160 2.56 -7.57 -1.75
CA ILE A 160 1.76 -6.61 -2.30
C ILE A 160 2.36 -5.16 -2.19
N GLY A 161 2.14 -4.48 -3.24
CA GLY A 161 2.48 -3.11 -3.45
C GLY A 161 1.24 -2.20 -3.54
N SER A 162 1.36 -1.17 -2.74
CA SER A 162 0.34 -0.08 -2.70
C SER A 162 -0.13 0.21 -4.12
N GLY A 163 0.85 0.21 -4.98
CA GLY A 163 0.75 0.36 -6.42
C GLY A 163 -0.09 1.57 -6.83
N CYS A 164 -1.11 1.30 -7.61
CA CYS A 164 -2.03 2.20 -8.24
C CYS A 164 -3.39 2.36 -7.59
N ASN A 165 -3.58 1.91 -6.37
CA ASN A 165 -4.88 2.09 -5.66
C ASN A 165 -5.18 3.58 -5.46
N LEU A 166 -4.27 4.32 -4.89
CA LEU A 166 -4.56 5.71 -4.49
C LEU A 166 -4.84 6.55 -5.75
N ASP A 167 -4.08 6.37 -6.74
CA ASP A 167 -4.25 7.00 -8.05
C ASP A 167 -5.67 6.78 -8.65
N SER A 168 -6.19 5.60 -8.46
CA SER A 168 -7.51 5.19 -8.95
C SER A 168 -8.59 5.93 -8.13
N ALA A 169 -8.41 5.90 -6.86
CA ALA A 169 -9.18 6.63 -5.85
C ALA A 169 -9.23 8.11 -6.22
N ARG A 170 -8.17 8.65 -6.81
CA ARG A 170 -8.07 10.05 -7.23
C ARG A 170 -8.84 10.29 -8.51
N PHE A 171 -8.69 9.35 -9.38
CA PHE A 171 -9.31 9.40 -10.75
C PHE A 171 -10.81 9.39 -10.53
N ARG A 172 -11.24 8.38 -9.78
CA ARG A 172 -12.63 8.26 -9.33
C ARG A 172 -13.10 9.54 -8.68
N TYR A 173 -12.33 10.14 -7.78
CA TYR A 173 -12.73 11.44 -7.20
C TYR A 173 -13.01 12.49 -8.31
N LEU A 174 -11.97 12.66 -9.15
CA LEU A 174 -12.02 13.66 -10.22
C LEU A 174 -13.17 13.33 -11.19
N MET A 175 -13.48 12.11 -11.57
CA MET A 175 -14.68 11.85 -12.37
C MET A 175 -15.98 12.41 -11.75
N GLY A 176 -16.09 12.06 -10.48
CA GLY A 176 -17.15 12.36 -9.57
C GLY A 176 -17.48 13.82 -9.49
N GLU A 177 -16.43 14.63 -9.48
CA GLU A 177 -16.62 16.10 -9.28
C GLU A 177 -17.20 16.69 -10.55
N ARG A 178 -16.65 16.22 -11.66
CA ARG A 178 -17.01 16.42 -13.03
C ARG A 178 -18.39 15.81 -13.32
N LEU A 179 -18.60 14.59 -12.76
CA LEU A 179 -19.98 14.10 -13.07
C LEU A 179 -21.06 14.45 -12.08
N GLY A 180 -20.90 14.58 -10.80
CA GLY A 180 -21.98 15.02 -9.89
C GLY A 180 -22.52 13.84 -9.09
N VAL A 181 -21.81 12.75 -9.19
CA VAL A 181 -22.10 11.47 -8.48
C VAL A 181 -20.99 11.16 -7.53
N HIS A 182 -21.22 10.44 -6.44
CA HIS A 182 -20.13 10.09 -5.53
C HIS A 182 -19.00 9.27 -6.20
N SER A 183 -17.82 9.50 -5.62
CA SER A 183 -16.62 8.84 -6.21
C SER A 183 -16.84 7.34 -6.21
N CYS A 184 -17.76 6.77 -5.44
CA CYS A 184 -17.88 5.30 -5.33
C CYS A 184 -18.88 4.73 -6.32
N SER A 185 -19.60 5.55 -7.00
CA SER A 185 -20.51 5.15 -8.12
C SER A 185 -19.79 5.30 -9.43
N CYS A 186 -18.68 6.03 -9.49
CA CYS A 186 -17.88 6.21 -10.69
C CYS A 186 -16.82 5.10 -10.65
N HIS A 187 -16.52 4.54 -11.78
CA HIS A 187 -15.60 3.39 -11.91
C HIS A 187 -14.65 3.56 -13.09
N GLY A 188 -13.41 3.55 -12.80
CA GLY A 188 -12.34 3.73 -13.86
C GLY A 188 -11.11 3.10 -13.15
N TRP A 189 -10.15 2.80 -13.95
CA TRP A 189 -8.95 2.07 -13.39
C TRP A 189 -7.67 2.65 -13.98
N VAL A 190 -6.74 3.02 -13.10
CA VAL A 190 -5.39 3.47 -13.53
C VAL A 190 -4.57 2.23 -13.13
N ILE A 191 -3.86 1.63 -14.08
CA ILE A 191 -3.04 0.48 -13.78
C ILE A 191 -1.64 0.76 -14.34
N GLY A 192 -0.81 -0.26 -14.26
CA GLY A 192 0.55 -0.20 -14.78
C GLY A 192 1.50 0.30 -13.70
N GLU A 193 2.54 0.97 -14.18
CA GLU A 193 3.64 1.47 -13.32
C GLU A 193 3.26 2.78 -12.66
N HIS A 194 3.06 2.76 -11.38
CA HIS A 194 2.64 3.84 -10.49
C HIS A 194 3.31 5.15 -10.78
N GLY A 195 2.57 6.18 -11.18
CA GLY A 195 3.22 7.49 -11.38
C GLY A 195 2.97 8.20 -12.68
N ASP A 196 3.97 8.55 -13.42
CA ASP A 196 3.81 9.38 -14.63
C ASP A 196 3.42 8.44 -15.79
N SER A 197 3.87 7.23 -15.57
CA SER A 197 3.73 6.18 -16.57
C SER A 197 2.52 5.30 -16.18
N VAL A 198 1.51 5.90 -15.62
CA VAL A 198 0.29 5.14 -15.25
C VAL A 198 -0.74 5.19 -16.36
N PRO A 199 -1.09 3.95 -16.80
CA PRO A 199 -2.17 3.81 -17.79
C PRO A 199 -3.60 3.86 -17.30
N SER A 200 -4.30 4.82 -17.90
CA SER A 200 -5.76 5.07 -17.61
C SER A 200 -6.62 4.31 -18.59
N VAL A 201 -7.29 3.26 -18.12
CA VAL A 201 -8.13 2.39 -18.97
C VAL A 201 -9.39 3.17 -19.34
N TRP A 202 -9.29 3.99 -20.41
CA TRP A 202 -10.40 4.86 -20.82
C TRP A 202 -11.68 4.09 -21.07
N SER A 203 -11.47 2.89 -21.58
CA SER A 203 -12.57 2.03 -22.00
C SER A 203 -13.24 1.25 -20.90
N GLY A 204 -12.87 1.43 -19.65
CA GLY A 204 -13.57 0.71 -18.56
C GLY A 204 -14.38 1.71 -17.74
N MET A 205 -14.10 2.99 -18.01
CA MET A 205 -14.86 4.08 -17.31
C MET A 205 -16.33 4.01 -17.51
N ASN A 206 -17.07 4.13 -16.40
CA ASN A 206 -18.56 4.01 -16.42
C ASN A 206 -19.20 4.42 -15.10
N VAL A 207 -20.47 4.60 -15.21
CA VAL A 207 -21.43 5.01 -14.16
C VAL A 207 -22.67 4.11 -14.31
N ALA A 208 -22.99 3.32 -13.33
CA ALA A 208 -24.15 2.39 -13.35
C ALA A 208 -23.97 1.20 -14.27
N SER A 209 -23.10 1.21 -15.20
CA SER A 209 -22.73 0.13 -16.13
C SER A 209 -22.60 0.76 -17.54
N ILE A 210 -22.78 2.10 -17.52
CA ILE A 210 -22.79 2.85 -18.81
C ILE A 210 -21.40 3.31 -19.15
N LYS A 211 -20.90 2.87 -20.29
CA LYS A 211 -19.50 3.18 -20.68
C LYS A 211 -19.35 4.59 -21.22
N LEU A 212 -18.51 5.38 -20.55
CA LEU A 212 -18.41 6.80 -21.02
C LEU A 212 -18.02 6.76 -22.49
N HIS A 213 -17.05 5.91 -22.76
CA HIS A 213 -16.48 5.79 -24.10
C HIS A 213 -17.52 5.69 -25.22
N PRO A 214 -18.61 4.95 -24.96
CA PRO A 214 -19.63 4.72 -25.99
C PRO A 214 -20.54 5.91 -26.18
N LEU A 215 -20.71 6.62 -25.08
CA LEU A 215 -21.49 7.83 -25.03
C LEU A 215 -20.85 9.10 -25.53
N ASP A 216 -19.59 9.35 -25.24
CA ASP A 216 -19.07 10.74 -25.50
C ASP A 216 -18.73 10.85 -26.98
N GLY A 217 -19.24 9.86 -27.69
CA GLY A 217 -18.84 9.75 -29.15
C GLY A 217 -17.58 8.82 -29.02
N THR A 218 -16.98 8.91 -27.86
CA THR A 218 -15.86 8.31 -27.31
C THR A 218 -15.12 9.36 -26.39
N ASN A 219 -13.84 8.97 -26.25
CA ASN A 219 -12.73 9.73 -25.83
C ASN A 219 -11.55 9.00 -25.16
N LYS A 220 -10.43 9.38 -25.74
CA LYS A 220 -9.05 9.02 -25.53
C LYS A 220 -8.14 10.11 -26.16
N ASP A 221 -8.45 10.40 -27.42
CA ASP A 221 -7.69 11.40 -28.19
C ASP A 221 -8.61 12.57 -28.53
N LYS A 222 -8.24 13.74 -28.19
CA LYS A 222 -8.61 15.07 -28.12
C LYS A 222 -9.98 15.73 -28.06
N GLN A 223 -10.27 16.26 -26.88
CA GLN A 223 -11.34 17.11 -26.42
C GLN A 223 -11.45 16.94 -24.89
N ASP A 224 -10.63 17.64 -24.16
CA ASP A 224 -10.46 17.70 -22.73
C ASP A 224 -11.23 16.75 -21.82
N TRP A 225 -10.67 15.65 -21.41
CA TRP A 225 -11.04 14.56 -20.57
C TRP A 225 -9.72 13.81 -20.14
N LYS A 226 -8.90 13.71 -21.16
CA LYS A 226 -7.53 13.20 -21.00
C LYS A 226 -6.89 13.90 -19.80
N LYS A 227 -7.25 15.15 -19.58
CA LYS A 227 -6.74 15.98 -18.51
C LYS A 227 -6.83 15.22 -17.14
N LEU A 228 -7.87 14.41 -17.15
CA LEU A 228 -8.32 13.80 -15.88
C LEU A 228 -7.21 12.96 -15.36
N HIS A 229 -6.29 12.61 -16.26
CA HIS A 229 -5.22 11.66 -15.85
C HIS A 229 -3.95 12.35 -15.40
N LYS A 230 -3.67 13.48 -15.96
CA LYS A 230 -2.58 14.38 -15.78
C LYS A 230 -2.60 15.02 -14.39
N ASP A 231 -3.80 15.42 -13.97
CA ASP A 231 -3.71 16.10 -12.59
C ASP A 231 -4.02 15.08 -11.52
N VAL A 232 -4.25 13.85 -11.96
CA VAL A 232 -4.32 12.70 -11.06
C VAL A 232 -2.84 12.51 -10.60
N VAL A 233 -1.95 12.52 -11.55
CA VAL A 233 -0.52 12.42 -11.29
C VAL A 233 0.15 13.73 -10.84
N ASP A 234 -0.33 14.87 -11.22
CA ASP A 234 0.11 16.22 -10.99
C ASP A 234 -0.35 16.80 -9.63
N SER A 235 -1.69 16.83 -9.55
CA SER A 235 -2.42 17.27 -8.36
C SER A 235 -1.78 16.65 -7.10
N ALA A 236 -1.00 15.60 -7.33
CA ALA A 236 -0.20 14.90 -6.37
C ALA A 236 1.10 15.63 -6.00
N TYR A 237 1.59 16.41 -6.96
CA TYR A 237 2.83 17.19 -6.70
C TYR A 237 2.32 18.51 -6.14
N GLU A 238 1.06 18.74 -6.62
CA GLU A 238 0.41 19.97 -6.19
C GLU A 238 0.38 20.05 -4.66
N VAL A 239 -0.06 18.96 -4.08
CA VAL A 239 -0.23 18.68 -2.68
C VAL A 239 1.02 18.98 -1.92
N ILE A 240 2.07 18.22 -2.17
CA ILE A 240 3.45 18.54 -1.69
C ILE A 240 3.88 19.97 -1.82
N LYS A 241 3.85 20.55 -3.03
CA LYS A 241 4.16 21.98 -3.22
C LYS A 241 3.41 22.90 -2.26
N LEU A 242 2.32 22.38 -1.77
CA LEU A 242 1.37 23.12 -0.93
C LEU A 242 1.51 22.86 0.56
N LYS A 243 1.56 21.60 0.87
CA LYS A 243 1.61 21.13 2.28
C LYS A 243 2.98 20.69 2.70
N GLY A 244 3.81 20.26 1.74
CA GLY A 244 5.14 19.78 2.04
C GLY A 244 5.18 18.30 2.27
N TYR A 245 4.10 17.60 1.99
CA TYR A 245 4.07 16.11 2.05
C TYR A 245 2.64 15.62 1.80
N THR A 246 2.53 14.33 1.68
CA THR A 246 1.27 13.58 1.57
C THR A 246 1.08 12.51 2.62
N SER A 247 -0.14 12.40 3.20
CA SER A 247 -0.37 11.37 4.23
C SER A 247 -1.76 10.74 4.35
N TRP A 248 -2.73 11.66 4.37
CA TRP A 248 -4.12 11.41 4.63
C TRP A 248 -4.77 10.45 3.66
N ALA A 249 -4.67 10.72 2.36
CA ALA A 249 -5.39 9.94 1.35
C ALA A 249 -4.70 8.58 1.24
N ILE A 250 -3.40 8.60 1.42
CA ILE A 250 -2.58 7.42 1.39
C ILE A 250 -2.97 6.49 2.56
N GLY A 251 -2.81 6.97 3.80
CA GLY A 251 -3.21 6.17 4.95
C GLY A 251 -4.61 5.51 4.66
N LEU A 252 -5.56 6.34 4.27
CA LEU A 252 -6.95 5.81 4.12
C LEU A 252 -6.98 4.69 3.10
N SER A 253 -6.31 4.95 1.98
CA SER A 253 -6.07 4.02 0.92
C SER A 253 -5.62 2.63 1.48
N VAL A 254 -4.71 2.69 2.43
CA VAL A 254 -4.08 1.47 2.96
C VAL A 254 -5.02 0.74 3.93
N ALA A 255 -5.80 1.49 4.72
CA ALA A 255 -6.80 0.85 5.61
C ALA A 255 -7.82 0.11 4.75
N ASP A 256 -8.12 0.72 3.59
CA ASP A 256 -9.02 0.11 2.60
C ASP A 256 -8.51 -1.28 2.23
N LEU A 257 -7.21 -1.38 1.99
CA LEU A 257 -6.52 -2.64 1.67
C LEU A 257 -6.44 -3.64 2.81
N ALA A 258 -6.23 -3.04 4.00
CA ALA A 258 -6.10 -3.90 5.21
C ALA A 258 -7.48 -4.50 5.55
N GLU A 259 -8.50 -3.75 5.24
CA GLU A 259 -9.86 -4.30 5.62
C GLU A 259 -10.20 -5.50 4.78
N THR A 260 -10.05 -5.38 3.46
CA THR A 260 -10.18 -6.48 2.55
C THR A 260 -9.45 -7.76 3.01
N ILE A 261 -8.16 -7.62 3.21
CA ILE A 261 -7.25 -8.68 3.56
C ILE A 261 -7.66 -9.31 4.89
N MET A 262 -7.77 -8.49 5.92
CA MET A 262 -8.11 -8.89 7.28
C MET A 262 -9.52 -9.55 7.38
N LYS A 263 -10.44 -9.01 6.52
CA LYS A 263 -11.85 -9.51 6.64
C LYS A 263 -12.13 -10.54 5.55
N ASN A 264 -11.06 -10.92 4.90
CA ASN A 264 -11.02 -11.93 3.86
C ASN A 264 -12.05 -11.55 2.81
N LEU A 265 -12.16 -10.34 2.34
CA LEU A 265 -13.22 -9.98 1.42
C LEU A 265 -13.15 -10.41 -0.03
N CYS A 266 -12.10 -10.58 -0.76
CA CYS A 266 -12.14 -11.00 -2.15
C CYS A 266 -12.67 -9.80 -2.95
N ARG A 267 -12.16 -8.62 -2.54
CA ARG A 267 -12.47 -7.34 -3.12
C ARG A 267 -11.34 -7.11 -4.12
N VAL A 268 -11.69 -6.47 -5.18
CA VAL A 268 -10.79 -6.17 -6.29
C VAL A 268 -10.12 -4.80 -6.15
N HIS A 269 -8.74 -4.85 -6.06
CA HIS A 269 -7.94 -3.71 -6.00
C HIS A 269 -6.78 -3.65 -7.08
N PRO A 270 -6.59 -2.46 -7.59
CA PRO A 270 -5.45 -2.17 -8.47
C PRO A 270 -4.20 -2.00 -7.64
N VAL A 271 -3.52 -3.08 -7.38
CA VAL A 271 -2.34 -3.18 -6.50
C VAL A 271 -1.18 -3.76 -7.27
N SER A 272 -0.01 -3.52 -6.75
CA SER A 272 1.23 -3.93 -7.45
C SER A 272 1.50 -5.40 -7.15
N THR A 273 1.52 -6.19 -8.22
CA THR A 273 1.75 -7.57 -8.25
C THR A 273 2.87 -7.98 -9.29
N MET A 274 3.20 -9.26 -9.23
CA MET A 274 4.07 -9.93 -10.19
C MET A 274 3.26 -10.13 -11.47
N VAL A 275 3.61 -9.51 -12.54
CA VAL A 275 2.93 -9.47 -13.81
C VAL A 275 3.70 -10.19 -14.92
N LYS A 276 4.58 -11.06 -14.48
CA LYS A 276 5.44 -11.88 -15.29
C LYS A 276 4.57 -12.82 -16.12
N ASP A 277 4.74 -12.73 -17.39
CA ASP A 277 4.06 -13.43 -18.47
C ASP A 277 2.53 -13.30 -18.52
N PHE A 278 2.08 -12.08 -18.41
CA PHE A 278 0.94 -11.31 -18.43
C PHE A 278 1.14 -10.05 -19.34
N TYR A 279 0.65 -10.17 -20.52
CA TYR A 279 0.64 -8.97 -21.42
C TYR A 279 2.01 -8.91 -22.11
N GLY A 280 2.56 -10.10 -22.26
CA GLY A 280 3.81 -10.36 -22.94
C GLY A 280 5.06 -9.90 -22.22
N ILE A 281 4.87 -9.76 -20.90
CA ILE A 281 6.01 -9.38 -19.99
C ILE A 281 6.79 -10.63 -19.62
N LYS A 282 8.12 -10.62 -19.85
CA LYS A 282 8.83 -11.90 -19.62
C LYS A 282 9.62 -11.93 -18.35
N ASP A 283 9.91 -10.80 -17.70
CA ASP A 283 10.78 -10.93 -16.49
C ASP A 283 10.01 -10.51 -15.24
N ASN A 284 10.67 -10.62 -14.14
CA ASN A 284 10.41 -10.40 -12.75
C ASN A 284 10.32 -8.91 -12.37
N VAL A 285 9.13 -8.41 -12.73
CA VAL A 285 8.64 -7.07 -12.60
C VAL A 285 7.24 -7.08 -11.99
N PHE A 286 6.97 -6.20 -11.07
CA PHE A 286 5.81 -5.84 -10.36
C PHE A 286 5.24 -4.53 -10.95
N LEU A 287 3.97 -4.50 -11.22
CA LEU A 287 3.15 -3.38 -11.68
C LEU A 287 1.71 -3.64 -11.25
N SER A 288 0.85 -2.64 -11.47
CA SER A 288 -0.57 -2.78 -11.02
C SER A 288 -1.45 -3.41 -12.09
N LEU A 289 -2.33 -4.26 -11.57
CA LEU A 289 -3.39 -5.06 -12.14
C LEU A 289 -4.47 -5.15 -11.07
N PRO A 290 -5.71 -5.29 -11.46
CA PRO A 290 -6.87 -5.50 -10.51
C PRO A 290 -6.78 -6.89 -9.87
N CYS A 291 -6.52 -6.97 -8.63
CA CYS A 291 -6.37 -8.21 -7.90
C CYS A 291 -7.53 -8.36 -6.88
N VAL A 292 -7.89 -9.64 -6.77
CA VAL A 292 -8.75 -10.05 -5.64
C VAL A 292 -7.86 -10.25 -4.39
N LEU A 293 -8.21 -9.74 -3.25
CA LEU A 293 -7.45 -9.97 -2.03
C LEU A 293 -8.31 -10.73 -0.97
N ASN A 294 -7.62 -11.58 -0.25
CA ASN A 294 -8.14 -12.25 0.93
C ASN A 294 -7.04 -12.23 1.99
N ASP A 295 -7.22 -13.06 3.00
CA ASP A 295 -6.31 -12.99 4.15
C ASP A 295 -4.92 -13.55 3.93
N HIS A 296 -4.66 -14.18 2.84
CA HIS A 296 -3.40 -14.74 2.43
C HIS A 296 -2.67 -13.94 1.35
N GLY A 297 -3.10 -12.74 1.09
CA GLY A 297 -2.64 -11.79 0.14
C GLY A 297 -3.36 -11.80 -1.19
N ILE A 298 -2.74 -11.97 -2.29
CA ILE A 298 -3.30 -11.95 -3.64
C ILE A 298 -3.91 -13.33 -3.98
N SER A 299 -5.22 -13.37 -3.98
CA SER A 299 -5.92 -14.61 -4.38
C SER A 299 -6.06 -14.83 -5.88
N ASN A 300 -6.14 -13.77 -6.67
CA ASN A 300 -6.36 -13.88 -8.11
C ASN A 300 -6.05 -12.57 -8.85
N ILE A 301 -6.07 -12.67 -10.15
CA ILE A 301 -5.86 -11.53 -11.02
C ILE A 301 -7.08 -11.41 -11.98
N VAL A 302 -7.43 -10.16 -12.15
CA VAL A 302 -8.49 -9.78 -13.08
C VAL A 302 -7.85 -9.46 -14.43
N LYS A 303 -8.09 -10.40 -15.33
CA LYS A 303 -7.55 -10.26 -16.70
C LYS A 303 -8.22 -9.22 -17.55
N MET A 304 -7.57 -8.04 -17.59
CA MET A 304 -8.21 -6.96 -18.42
C MET A 304 -7.88 -7.42 -19.84
N LYS A 305 -8.53 -6.82 -20.74
CA LYS A 305 -8.48 -6.88 -22.16
C LYS A 305 -8.05 -5.46 -22.59
N LEU A 306 -6.73 -5.27 -22.60
CA LEU A 306 -6.15 -4.02 -22.98
C LEU A 306 -5.94 -4.01 -24.51
N LYS A 307 -5.82 -2.75 -24.92
CA LYS A 307 -5.45 -2.50 -26.34
C LYS A 307 -3.92 -2.64 -26.35
N PRO A 308 -3.36 -2.77 -27.52
CA PRO A 308 -1.92 -2.85 -27.72
C PRO A 308 -1.18 -1.60 -27.25
N ASN A 309 -1.83 -0.51 -27.51
CA ASN A 309 -1.46 0.88 -27.24
C ASN A 309 -1.05 0.98 -25.76
N GLU A 310 -1.92 0.39 -24.97
CA GLU A 310 -2.00 0.15 -23.59
C GLU A 310 -1.00 -0.91 -23.08
N GLU A 311 -1.10 -2.12 -23.65
CA GLU A 311 -0.19 -3.19 -23.20
C GLU A 311 1.24 -2.84 -23.62
N GLN A 312 1.39 -2.07 -24.63
CA GLN A 312 2.72 -1.60 -25.16
C GLN A 312 3.36 -0.81 -24.03
N GLN A 313 2.64 0.18 -23.59
CA GLN A 313 2.97 1.06 -22.45
C GLN A 313 3.33 0.28 -21.19
N LEU A 314 2.68 -0.83 -21.03
CA LEU A 314 2.76 -1.76 -19.92
C LEU A 314 4.14 -2.38 -19.90
N GLN A 315 4.50 -2.87 -21.10
CA GLN A 315 5.76 -3.47 -21.44
C GLN A 315 6.92 -2.46 -21.31
N LYS A 316 6.71 -1.22 -21.72
CA LYS A 316 7.79 -0.22 -21.55
C LYS A 316 8.10 0.02 -20.05
N SER A 317 7.19 -0.20 -19.13
CA SER A 317 7.50 -0.06 -17.72
C SER A 317 8.34 -1.25 -17.26
N ALA A 318 7.95 -2.39 -17.72
CA ALA A 318 8.51 -3.67 -17.26
C ALA A 318 9.98 -3.78 -17.58
N THR A 319 10.35 -3.14 -18.65
CA THR A 319 11.67 -3.07 -19.26
C THR A 319 12.57 -2.11 -18.46
N THR A 320 12.06 -0.92 -18.39
CA THR A 320 12.54 0.17 -17.58
C THR A 320 12.76 -0.22 -16.10
N LEU A 321 11.94 -1.06 -15.54
CA LEU A 321 12.07 -1.52 -14.15
C LEU A 321 13.08 -2.62 -14.00
N TRP A 322 13.12 -3.49 -15.00
CA TRP A 322 13.99 -4.68 -15.00
C TRP A 322 15.44 -4.24 -15.12
N ASP A 323 15.60 -3.08 -15.76
CA ASP A 323 16.81 -2.36 -16.06
C ASP A 323 17.46 -1.85 -14.78
N ILE A 324 16.64 -1.31 -13.92
CA ILE A 324 17.02 -0.80 -12.61
C ILE A 324 17.54 -2.00 -11.81
N GLN A 325 16.82 -3.08 -12.01
CA GLN A 325 17.12 -4.38 -11.33
C GLN A 325 18.45 -4.85 -11.90
N LYS A 326 19.43 -4.08 -11.35
CA LYS A 326 20.89 -4.11 -11.50
C LYS A 326 21.45 -3.64 -10.13
N ASP A 327 20.76 -4.14 -9.13
CA ASP A 327 20.87 -3.78 -7.76
C ASP A 327 21.87 -4.66 -6.98
N LEU A 328 22.42 -4.04 -5.98
CA LEU A 328 23.32 -4.56 -4.97
C LEU A 328 24.77 -4.18 -5.22
N LYS A 329 25.11 -2.98 -4.92
CA LYS A 329 25.54 -1.75 -4.64
C LYS A 329 25.91 -0.75 -5.77
N PHE A 330 25.73 0.46 -5.27
CA PHE A 330 25.90 1.75 -5.88
C PHE A 330 24.74 2.03 -6.87
S SO4 B . -15.55 -0.75 -7.82
O1 SO4 B . -15.51 0.07 -9.08
O2 SO4 B . -15.61 -2.17 -8.06
O3 SO4 B . -14.40 -0.37 -6.92
O4 SO4 B . -16.85 -0.22 -7.14
S SO4 C . 1.66 9.53 -4.61
O1 SO4 C . 1.39 10.89 -4.00
O2 SO4 C . 1.64 8.46 -3.56
O3 SO4 C . 0.65 9.21 -5.69
O4 SO4 C . 3.01 9.62 -5.31
#